data_8HD2
#
_entry.id   8HD2
#
_cell.length_a   35.016
_cell.length_b   48.060
_cell.length_c   49.828
_cell.angle_alpha   82.590
_cell.angle_beta   84.120
_cell.angle_gamma   70.670
#
_symmetry.space_group_name_H-M   'P 1'
#
loop_
_entity.id
_entity.type
_entity.pdbx_description
1 polymer 'Methyltransf_25 domain-containing protein'
2 non-polymer S-ADENOSYL-L-HOMOCYSTEINE
3 water water
#
_entity_poly.entity_id   1
_entity_poly.type   'polypeptide(L)'
_entity_poly.pdbx_seq_one_letter_code
;MNQSVDSPNIKLLLSQSHPQMFLTDRLIRFVEEEGISELLQSMRRFTIEEALEAFREKLGYKLQDRVRLRMAKVIVDLLY
ECEYLEKKGERYFWIEGKGFETKLSADGYKVAKDAFKGQVDFFERCIMYADKFLNGNPPLYSFDSASTGIWEEFLGNTEF
RFARSVLINLLFSGRNDNATVLALCYGPGFDILQMQEQYNIRVTALDFKDVFQSQASRRILNPNSVKWVQSALWKGFGTP
LPFHDTMFDAVFFACADPYIPEESREFVYKDIFRVLKHGGILGIVTRSYPDTERKYVKDPFVRKGTLCHDFSESVCEGWC
GFYHPQESENLFKTIGYHVNTIMLNASVWRLDKP
;
_entity_poly.pdbx_strand_id   A
#
# COMPACT_ATOMS: atom_id res chain seq x y z
N PHE A 22 11.10 16.17 -6.69
CA PHE A 22 10.37 14.95 -6.99
C PHE A 22 10.87 13.77 -6.15
N LEU A 23 9.96 12.83 -5.89
CA LEU A 23 10.29 11.70 -5.03
C LEU A 23 11.30 10.77 -5.70
N THR A 24 11.14 10.54 -7.01
CA THR A 24 12.09 9.68 -7.72
C THR A 24 13.50 10.27 -7.70
N ASP A 25 13.62 11.56 -7.94
CA ASP A 25 14.93 12.21 -7.85
C ASP A 25 15.51 12.08 -6.45
N ARG A 26 14.66 12.18 -5.43
CA ARG A 26 15.14 12.03 -4.07
C ARG A 26 15.67 10.63 -3.80
N LEU A 27 14.97 9.60 -4.28
CA LEU A 27 15.45 8.24 -4.05
C LEU A 27 16.71 7.96 -4.87
N ILE A 28 16.78 8.47 -6.10
CA ILE A 28 18.02 8.35 -6.88
C ILE A 28 19.18 9.03 -6.15
N ARG A 29 18.92 10.19 -5.55
CA ARG A 29 19.98 10.86 -4.81
C ARG A 29 20.43 10.01 -3.62
N PHE A 30 19.48 9.37 -2.94
CA PHE A 30 19.82 8.42 -1.87
C PHE A 30 20.71 7.30 -2.41
N VAL A 31 20.34 6.72 -3.55
CA VAL A 31 21.10 5.62 -4.13
C VAL A 31 22.54 6.07 -4.40
N GLU A 32 22.71 7.29 -4.91
CA GLU A 32 24.05 7.77 -5.21
C GLU A 32 24.83 8.09 -3.94
N GLU A 33 24.20 8.78 -2.99
CA GLU A 33 24.92 9.20 -1.79
C GLU A 33 25.31 8.03 -0.90
N GLU A 34 24.52 6.96 -0.88
CA GLU A 34 24.87 5.79 -0.09
C GLU A 34 25.93 4.91 -0.75
N GLY A 35 26.35 5.25 -1.96
CA GLY A 35 27.31 4.43 -2.67
C GLY A 35 26.73 3.21 -3.36
N ILE A 36 25.40 3.11 -3.44
CA ILE A 36 24.79 1.98 -4.12
C ILE A 36 25.10 2.02 -5.62
N SER A 37 24.95 3.19 -6.23
CA SER A 37 25.22 3.29 -7.65
C SER A 37 26.68 3.00 -7.95
N GLU A 38 27.60 3.49 -7.11
CA GLU A 38 29.03 3.21 -7.32
C GLU A 38 29.30 1.71 -7.22
N LEU A 39 28.73 1.06 -6.23
CA LEU A 39 28.93 -0.38 -6.07
C LEU A 39 28.42 -1.14 -7.28
N LEU A 40 27.20 -0.83 -7.74
CA LEU A 40 26.62 -1.58 -8.84
C LEU A 40 27.39 -1.36 -10.15
N GLN A 41 27.85 -0.13 -10.40
CA GLN A 41 28.59 0.09 -11.65
C GLN A 41 29.94 -0.61 -11.60
N SER A 42 30.57 -0.66 -10.42
CA SER A 42 31.83 -1.39 -10.33
C SER A 42 31.61 -2.89 -10.50
N MET A 43 30.45 -3.40 -10.09
CA MET A 43 30.15 -4.81 -10.26
C MET A 43 29.88 -5.15 -11.72
N ARG A 44 29.32 -4.18 -12.46
CA ARG A 44 29.03 -4.23 -13.89
C ARG A 44 27.84 -5.11 -14.23
N ARG A 45 27.79 -6.32 -13.69
CA ARG A 45 26.72 -7.26 -13.94
C ARG A 45 26.37 -7.94 -12.63
N PHE A 46 25.09 -8.27 -12.47
CA PHE A 46 24.61 -8.85 -11.21
C PHE A 46 23.18 -9.36 -11.35
N THR A 47 22.90 -10.49 -10.71
CA THR A 47 21.52 -10.87 -10.45
C THR A 47 21.03 -10.14 -9.20
N ILE A 48 19.72 -10.21 -8.94
CA ILE A 48 19.22 -9.59 -7.72
C ILE A 48 19.90 -10.24 -6.50
N GLU A 49 20.08 -11.56 -6.52
CA GLU A 49 20.74 -12.24 -5.40
C GLU A 49 22.17 -11.74 -5.20
N GLU A 50 22.91 -11.53 -6.31
CA GLU A 50 24.28 -11.07 -6.17
C GLU A 50 24.33 -9.64 -5.64
N ALA A 51 23.40 -8.79 -6.09
CA ALA A 51 23.34 -7.43 -5.57
C ALA A 51 23.06 -7.41 -4.08
N LEU A 52 22.11 -8.23 -3.62
CA LEU A 52 21.79 -8.25 -2.20
C LEU A 52 22.97 -8.76 -1.39
N GLU A 53 23.69 -9.75 -1.91
CA GLU A 53 24.91 -10.19 -1.22
C GLU A 53 25.92 -9.05 -1.12
N ALA A 54 26.07 -8.26 -2.20
CA ALA A 54 27.04 -7.17 -2.17
C ALA A 54 26.60 -6.02 -1.28
N PHE A 55 25.29 -5.75 -1.19
CA PHE A 55 24.82 -4.75 -0.23
C PHE A 55 25.20 -5.14 1.19
N ARG A 56 25.04 -6.41 1.52
CA ARG A 56 25.47 -6.90 2.84
C ARG A 56 26.98 -6.73 3.01
N GLU A 57 27.76 -7.33 2.11
CA GLU A 57 29.20 -7.42 2.31
C GLU A 57 29.92 -6.09 2.11
N LYS A 58 29.47 -5.24 1.20
CA LYS A 58 30.21 -4.05 0.83
C LYS A 58 29.65 -2.77 1.44
N LEU A 59 28.33 -2.66 1.60
CA LEU A 59 27.73 -1.49 2.23
C LEU A 59 27.40 -1.72 3.69
N GLY A 60 27.46 -2.94 4.17
CA GLY A 60 27.18 -3.21 5.56
C GLY A 60 25.72 -3.17 5.94
N TYR A 61 24.80 -3.25 4.99
CA TYR A 61 23.38 -3.28 5.34
C TYR A 61 23.02 -4.59 6.02
N LYS A 62 22.21 -4.52 7.06
CA LYS A 62 21.71 -5.72 7.74
C LYS A 62 20.34 -6.08 7.18
N LEU A 63 20.38 -6.84 6.09
CA LEU A 63 19.18 -7.29 5.37
C LEU A 63 18.63 -8.54 6.07
N GLN A 64 18.24 -8.33 7.32
CA GLN A 64 17.95 -9.43 8.24
C GLN A 64 16.49 -9.84 8.26
N ASP A 65 15.64 -9.17 7.50
CA ASP A 65 14.22 -9.51 7.44
C ASP A 65 13.67 -9.24 6.06
N ARG A 66 12.42 -9.65 5.86
CA ARG A 66 11.78 -9.56 4.55
C ARG A 66 11.66 -8.12 4.08
N VAL A 67 11.32 -7.20 4.98
CA VAL A 67 11.07 -5.83 4.54
C VAL A 67 12.37 -5.17 4.07
N ARG A 68 13.50 -5.45 4.72
CA ARG A 68 14.76 -4.85 4.29
C ARG A 68 15.30 -5.51 3.04
N LEU A 69 15.16 -6.83 2.91
CA LEU A 69 15.50 -7.48 1.65
C LEU A 69 14.67 -6.92 0.51
N ARG A 70 13.39 -6.64 0.77
CA ARG A 70 12.51 -6.07 -0.23
C ARG A 70 12.94 -4.66 -0.64
N MET A 71 13.37 -3.85 0.33
CA MET A 71 13.80 -2.49 -0.03
C MET A 71 14.96 -2.54 -0.99
N ALA A 72 15.89 -3.45 -0.75
CA ALA A 72 17.05 -3.59 -1.62
C ALA A 72 16.64 -4.02 -3.02
N LYS A 73 15.66 -4.93 -3.11
CA LYS A 73 15.14 -5.34 -4.41
C LYS A 73 14.44 -4.17 -5.11
N VAL A 74 13.73 -3.33 -4.35
CA VAL A 74 13.03 -2.19 -4.94
C VAL A 74 14.04 -1.21 -5.54
N ILE A 75 15.19 -1.04 -4.90
CA ILE A 75 16.22 -0.15 -5.45
C ILE A 75 16.69 -0.63 -6.83
N VAL A 76 16.95 -1.92 -6.95
CA VAL A 76 17.35 -2.49 -8.25
C VAL A 76 16.23 -2.31 -9.27
N ASP A 77 14.99 -2.61 -8.88
CA ASP A 77 13.86 -2.42 -9.78
C ASP A 77 13.73 -0.98 -10.23
N LEU A 78 14.00 -0.02 -9.34
CA LEU A 78 13.90 1.38 -9.72
C LEU A 78 15.02 1.77 -10.68
N LEU A 79 16.23 1.31 -10.41
CA LEU A 79 17.33 1.60 -11.32
C LEU A 79 17.07 1.04 -12.71
N TYR A 80 16.41 -0.11 -12.78
CA TYR A 80 16.04 -0.68 -14.07
C TYR A 80 14.95 0.14 -14.74
N GLU A 81 13.93 0.52 -13.97
CA GLU A 81 12.84 1.34 -14.51
C GLU A 81 13.34 2.68 -15.02
N CYS A 82 14.35 3.25 -14.36
CA CYS A 82 14.93 4.54 -14.73
C CYS A 82 16.03 4.43 -15.78
N GLU A 83 16.26 3.22 -16.30
CA GLU A 83 17.16 3.00 -17.43
C GLU A 83 18.63 3.19 -17.05
N TYR A 84 18.98 2.96 -15.79
CA TYR A 84 20.38 2.83 -15.42
C TYR A 84 20.91 1.43 -15.67
N LEU A 85 20.01 0.44 -15.78
CA LEU A 85 20.36 -0.96 -15.96
C LEU A 85 19.64 -1.49 -17.20
N GLU A 86 20.26 -2.47 -17.85
CA GLU A 86 19.54 -3.32 -18.80
C GLU A 86 19.52 -4.73 -18.23
N LYS A 87 18.69 -5.58 -18.81
CA LYS A 87 18.49 -6.91 -18.26
C LYS A 87 18.53 -7.92 -19.39
N LYS A 88 19.28 -9.00 -19.18
CA LYS A 88 19.32 -10.16 -20.07
C LYS A 88 19.07 -11.39 -19.23
N GLY A 89 17.98 -12.10 -19.52
CA GLY A 89 17.59 -13.18 -18.64
C GLY A 89 17.27 -12.63 -17.27
N GLU A 90 17.94 -13.16 -16.24
CA GLU A 90 17.78 -12.67 -14.89
C GLU A 90 18.92 -11.77 -14.45
N ARG A 91 19.84 -11.44 -15.36
CA ARG A 91 21.04 -10.69 -15.02
C ARG A 91 20.93 -9.23 -15.47
N TYR A 92 21.25 -8.32 -14.55
CA TYR A 92 21.26 -6.90 -14.83
C TYR A 92 22.66 -6.45 -15.22
N PHE A 93 22.72 -5.44 -16.07
CA PHE A 93 23.98 -4.85 -16.51
C PHE A 93 23.89 -3.34 -16.36
N TRP A 94 24.88 -2.75 -15.71
CA TRP A 94 24.95 -1.29 -15.64
C TRP A 94 25.25 -0.72 -17.02
N ILE A 95 24.44 0.25 -17.45
CA ILE A 95 24.59 0.85 -18.76
C ILE A 95 25.65 1.93 -18.69
N GLU A 96 26.73 1.77 -19.46
CA GLU A 96 27.81 2.74 -19.51
C GLU A 96 27.45 3.84 -20.50
N GLY A 97 27.47 5.09 -20.05
CA GLY A 97 27.21 6.20 -20.93
C GLY A 97 28.39 6.52 -21.83
N LYS A 98 28.09 7.00 -23.03
CA LYS A 98 29.13 7.29 -24.01
C LYS A 98 29.61 8.74 -23.88
N GLY A 99 30.79 8.98 -24.44
CA GLY A 99 31.45 10.26 -24.22
C GLY A 99 30.65 11.41 -24.82
N PHE A 100 30.62 12.52 -24.09
CA PHE A 100 29.95 13.75 -24.53
C PHE A 100 28.47 13.53 -24.81
N VAL A 120 10.37 17.58 4.82
CA VAL A 120 9.02 18.15 4.86
C VAL A 120 7.98 17.07 4.54
N ASP A 121 8.19 16.36 3.44
CA ASP A 121 7.30 15.27 3.06
C ASP A 121 7.38 14.14 4.07
N PHE A 122 6.27 13.41 4.20
CA PHE A 122 6.34 12.08 4.79
C PHE A 122 7.39 11.23 4.08
N PHE A 123 7.35 11.21 2.74
CA PHE A 123 8.29 10.37 2.00
C PHE A 123 9.73 10.85 2.20
N GLU A 124 9.93 12.17 2.22
CA GLU A 124 11.27 12.70 2.46
C GLU A 124 11.79 12.23 3.82
N ARG A 125 10.95 12.30 4.85
CA ARG A 125 11.38 11.85 6.17
C ARG A 125 11.70 10.36 6.17
N CYS A 126 10.91 9.55 5.44
CA CYS A 126 11.20 8.13 5.34
C CYS A 126 12.56 7.90 4.68
N ILE A 127 12.82 8.61 3.57
CA ILE A 127 14.09 8.41 2.86
C ILE A 127 15.26 8.91 3.69
N MET A 128 15.07 10.01 4.44
CA MET A 128 16.13 10.50 5.33
C MET A 128 16.52 9.45 6.36
N TYR A 129 15.60 8.57 6.73
CA TYR A 129 15.84 7.56 7.73
C TYR A 129 16.27 6.21 7.13
N ALA A 130 16.15 6.05 5.82
CA ALA A 130 16.26 4.71 5.23
C ALA A 130 17.63 4.11 5.46
N ASP A 131 18.68 4.94 5.44
CA ASP A 131 20.03 4.45 5.71
C ASP A 131 20.12 3.85 7.10
N LYS A 132 19.54 4.53 8.10
CA LYS A 132 19.54 3.98 9.45
C LYS A 132 18.73 2.70 9.54
N PHE A 133 17.58 2.67 8.87
CA PHE A 133 16.74 1.47 8.92
C PHE A 133 17.43 0.28 8.28
N LEU A 134 18.09 0.51 7.14
CA LEU A 134 18.80 -0.56 6.45
C LEU A 134 19.98 -1.06 7.26
N ASN A 135 20.53 -0.23 8.12
CA ASN A 135 21.57 -0.62 9.06
C ASN A 135 21.00 -1.23 10.33
N GLY A 136 19.72 -1.61 10.32
CA GLY A 136 19.12 -2.38 11.38
C GLY A 136 18.40 -1.63 12.47
N ASN A 137 18.26 -0.30 12.36
CA ASN A 137 17.56 0.48 13.37
C ASN A 137 16.04 0.23 13.28
N PRO A 138 15.29 0.49 14.35
CA PRO A 138 13.84 0.14 14.38
C PRO A 138 13.03 0.98 13.41
N PRO A 139 11.77 0.60 13.15
CA PRO A 139 10.95 1.41 12.24
C PRO A 139 10.79 2.85 12.71
N LEU A 140 10.65 3.75 11.73
CA LEU A 140 10.53 5.18 12.04
C LEU A 140 9.18 5.52 12.63
N TYR A 141 8.11 4.99 12.04
CA TYR A 141 6.75 5.24 12.46
C TYR A 141 6.04 3.90 12.69
N SER A 142 4.97 3.95 13.48
CA SER A 142 4.11 2.80 13.68
C SER A 142 2.69 3.32 13.85
N PHE A 143 1.73 2.40 13.96
CA PHE A 143 0.35 2.79 14.26
C PHE A 143 0.15 2.72 15.77
N ASP A 144 0.82 3.63 16.46
CA ASP A 144 0.66 3.83 17.89
C ASP A 144 0.23 5.27 18.13
N SER A 145 -0.10 5.58 19.39
CA SER A 145 -0.63 6.90 19.69
C SER A 145 0.37 7.99 19.31
N ALA A 146 1.66 7.75 19.53
CA ALA A 146 2.65 8.80 19.33
C ALA A 146 2.71 9.24 17.87
N SER A 147 2.35 8.36 16.93
CA SER A 147 2.50 8.67 15.50
C SER A 147 1.22 9.18 14.85
N THR A 148 0.16 9.48 15.61
CA THR A 148 -1.13 9.75 14.98
C THR A 148 -1.08 11.01 14.13
N GLY A 149 -0.37 12.04 14.59
CA GLY A 149 -0.28 13.27 13.81
C GLY A 149 0.44 13.08 12.49
N ILE A 150 1.47 12.23 12.49
CA ILE A 150 2.21 11.91 11.27
C ILE A 150 1.28 11.30 10.22
N TRP A 151 0.49 10.31 10.63
CA TRP A 151 -0.43 9.66 9.70
C TRP A 151 -1.53 10.61 9.24
N GLU A 152 -1.99 11.47 10.13
CA GLU A 152 -3.02 12.44 9.76
C GLU A 152 -2.52 13.36 8.66
N GLU A 153 -1.27 13.82 8.75
CA GLU A 153 -0.75 14.72 7.72
C GLU A 153 -0.55 13.99 6.40
N PHE A 154 -0.05 12.76 6.46
CA PHE A 154 0.24 12.00 5.25
C PHE A 154 -1.04 11.58 4.54
N LEU A 155 -1.96 10.96 5.29
CA LEU A 155 -3.14 10.39 4.66
C LEU A 155 -4.15 11.44 4.22
N GLY A 156 -3.96 12.69 4.65
CA GLY A 156 -4.81 13.76 4.19
C GLY A 156 -4.41 14.38 2.87
N ASN A 157 -3.45 13.78 2.15
CA ASN A 157 -2.94 14.38 0.93
C ASN A 157 -3.94 14.27 -0.22
N THR A 158 -3.74 15.11 -1.23
CA THR A 158 -4.74 15.23 -2.30
C THR A 158 -4.82 13.99 -3.17
N GLU A 159 -3.69 13.28 -3.36
CA GLU A 159 -3.72 12.08 -4.19
C GLU A 159 -4.58 10.99 -3.55
N PHE A 160 -4.50 10.85 -2.23
CA PHE A 160 -5.35 9.89 -1.55
C PHE A 160 -6.82 10.33 -1.60
N ARG A 161 -7.08 11.62 -1.42
CA ARG A 161 -8.45 12.12 -1.48
C ARG A 161 -9.08 11.81 -2.84
N PHE A 162 -8.33 12.02 -3.93
CA PHE A 162 -8.85 11.73 -5.26
C PHE A 162 -9.19 10.24 -5.42
N ALA A 163 -8.27 9.36 -5.04
CA ALA A 163 -8.50 7.93 -5.23
C ALA A 163 -9.69 7.46 -4.42
N ARG A 164 -9.80 7.94 -3.18
CA ARG A 164 -10.94 7.57 -2.37
C ARG A 164 -12.25 8.04 -2.99
N SER A 165 -12.27 9.28 -3.50
CA SER A 165 -13.51 9.83 -4.04
C SER A 165 -13.99 9.04 -5.26
N VAL A 166 -13.06 8.60 -6.11
CA VAL A 166 -13.44 7.78 -7.27
C VAL A 166 -14.05 6.47 -6.80
N LEU A 167 -13.39 5.80 -5.87
CA LEU A 167 -13.88 4.51 -5.37
C LEU A 167 -15.24 4.67 -4.70
N ILE A 168 -15.43 5.74 -3.94
CA ILE A 168 -16.72 5.98 -3.29
C ILE A 168 -17.82 6.11 -4.32
N ASN A 169 -17.58 6.83 -5.42
CA ASN A 169 -18.61 6.90 -6.46
C ASN A 169 -18.81 5.53 -7.12
N LEU A 170 -17.74 4.76 -7.33
CA LEU A 170 -17.90 3.43 -7.91
C LEU A 170 -18.81 2.56 -7.05
N LEU A 171 -18.66 2.66 -5.72
CA LEU A 171 -19.42 1.81 -4.81
C LEU A 171 -20.87 2.27 -4.65
N PHE A 172 -21.10 3.58 -4.55
CA PHE A 172 -22.39 4.06 -4.07
C PHE A 172 -23.20 4.86 -5.07
N SER A 173 -22.62 5.30 -6.18
CA SER A 173 -23.38 6.07 -7.15
C SER A 173 -24.55 5.27 -7.68
N GLY A 174 -25.74 5.87 -7.67
CA GLY A 174 -26.90 5.23 -8.24
C GLY A 174 -27.62 4.27 -7.34
N ARG A 175 -27.12 4.04 -6.12
CA ARG A 175 -27.67 3.07 -5.20
C ARG A 175 -28.77 3.70 -4.35
N ASN A 176 -29.59 2.82 -3.76
CA ASN A 176 -30.48 3.25 -2.70
C ASN A 176 -29.65 3.79 -1.53
N ASP A 177 -30.18 4.83 -0.88
CA ASP A 177 -29.50 5.44 0.24
C ASP A 177 -29.39 4.46 1.40
N ASN A 178 -28.52 4.81 2.36
CA ASN A 178 -28.41 4.14 3.66
C ASN A 178 -27.90 2.70 3.53
N ALA A 179 -26.98 2.46 2.60
CA ALA A 179 -26.28 1.18 2.55
C ALA A 179 -25.54 0.93 3.86
N THR A 180 -25.42 -0.36 4.22
CA THR A 180 -24.67 -0.79 5.40
C THR A 180 -23.23 -1.06 4.96
N VAL A 181 -22.29 -0.25 5.45
CA VAL A 181 -20.91 -0.26 4.96
C VAL A 181 -19.95 -0.46 6.12
N LEU A 182 -19.00 -1.37 5.94
CA LEU A 182 -17.90 -1.54 6.88
C LEU A 182 -16.73 -0.68 6.41
N ALA A 183 -16.36 0.32 7.20
CA ALA A 183 -15.14 1.09 6.94
C ALA A 183 -14.03 0.37 7.68
N LEU A 184 -13.26 -0.41 6.94
CA LEU A 184 -12.27 -1.32 7.51
C LEU A 184 -10.91 -0.66 7.50
N CYS A 185 -10.24 -0.67 8.66
CA CYS A 185 -8.90 -0.11 8.82
C CYS A 185 -8.93 1.39 8.48
N TYR A 186 -9.76 2.12 9.22
CA TYR A 186 -10.08 3.50 8.83
C TYR A 186 -9.07 4.53 9.30
N GLY A 187 -8.18 4.18 10.23
CA GLY A 187 -7.13 5.10 10.63
C GLY A 187 -7.67 6.46 11.06
N PRO A 188 -7.10 7.54 10.52
CA PRO A 188 -7.54 8.89 10.91
C PRO A 188 -8.97 9.25 10.47
N GLY A 189 -9.65 8.39 9.71
CA GLY A 189 -11.03 8.65 9.33
C GLY A 189 -11.25 9.48 8.08
N PHE A 190 -10.24 9.69 7.23
CA PHE A 190 -10.48 10.37 5.96
C PHE A 190 -11.42 9.57 5.06
N ASP A 191 -11.38 8.24 5.14
CA ASP A 191 -12.28 7.45 4.32
C ASP A 191 -13.73 7.61 4.77
N ILE A 192 -13.96 7.51 6.07
CA ILE A 192 -15.33 7.73 6.58
C ILE A 192 -15.78 9.14 6.25
N LEU A 193 -14.90 10.13 6.42
CA LEU A 193 -15.28 11.50 6.12
C LEU A 193 -15.73 11.64 4.68
N GLN A 194 -14.92 11.14 3.73
CA GLN A 194 -15.29 11.28 2.33
C GLN A 194 -16.55 10.49 2.00
N MET A 195 -16.78 9.36 2.65
CA MET A 195 -18.01 8.62 2.39
C MET A 195 -19.21 9.43 2.84
N GLN A 196 -19.13 10.08 4.01
CA GLN A 196 -20.25 10.85 4.51
C GLN A 196 -20.43 12.14 3.74
N GLU A 197 -19.33 12.71 3.24
CA GLU A 197 -19.41 13.88 2.37
C GLU A 197 -20.22 13.58 1.13
N GLN A 198 -20.02 12.40 0.53
CA GLN A 198 -20.58 12.13 -0.79
C GLN A 198 -21.94 11.44 -0.76
N TYR A 199 -22.23 10.63 0.25
CA TYR A 199 -23.40 9.76 0.27
C TYR A 199 -23.95 9.63 1.69
N ASN A 200 -25.23 9.24 1.76
CA ASN A 200 -25.86 8.83 3.02
C ASN A 200 -25.71 7.32 3.18
N ILE A 201 -24.80 6.90 4.05
CA ILE A 201 -24.56 5.50 4.30
C ILE A 201 -24.48 5.28 5.80
N ARG A 202 -24.67 4.03 6.21
CA ARG A 202 -24.61 3.64 7.61
C ARG A 202 -23.28 2.93 7.86
N VAL A 203 -22.35 3.64 8.51
CA VAL A 203 -20.97 3.18 8.65
C VAL A 203 -20.83 2.35 9.93
N THR A 204 -20.26 1.17 9.78
CA THR A 204 -19.65 0.42 10.89
C THR A 204 -18.14 0.57 10.75
N ALA A 205 -17.48 1.05 11.80
CA ALA A 205 -16.07 1.40 11.74
C ALA A 205 -15.26 0.44 12.59
N LEU A 206 -14.22 -0.16 12.00
CA LEU A 206 -13.36 -1.10 12.71
C LEU A 206 -11.91 -0.92 12.29
N ASP A 207 -11.01 -0.87 13.29
CA ASP A 207 -9.57 -0.85 13.07
C ASP A 207 -8.93 -1.83 14.05
N PHE A 208 -7.67 -2.21 13.81
CA PHE A 208 -7.07 -3.16 14.74
C PHE A 208 -6.48 -2.49 15.97
N LYS A 209 -6.39 -1.17 16.00
CA LYS A 209 -6.06 -0.41 17.20
C LYS A 209 -7.04 0.73 17.35
N ASP A 210 -7.21 1.23 18.58
CA ASP A 210 -8.17 2.29 18.82
C ASP A 210 -7.51 3.67 18.91
N VAL A 211 -6.26 3.75 18.47
CA VAL A 211 -5.42 4.92 18.64
C VAL A 211 -5.91 6.14 17.85
N PHE A 212 -6.68 5.94 16.78
CA PHE A 212 -7.16 7.03 15.94
C PHE A 212 -8.62 7.41 16.20
N GLN A 213 -9.34 6.67 17.05
CA GLN A 213 -10.79 6.79 17.06
C GLN A 213 -11.24 8.21 17.40
N SER A 214 -10.60 8.82 18.41
CA SER A 214 -10.97 10.18 18.78
C SER A 214 -10.70 11.15 17.65
N GLN A 215 -9.54 11.02 16.99
CA GLN A 215 -9.22 11.89 15.86
C GLN A 215 -10.20 11.71 14.72
N ALA A 216 -10.57 10.46 14.42
CA ALA A 216 -11.54 10.21 13.36
C ALA A 216 -12.91 10.78 13.72
N SER A 217 -13.33 10.59 14.97
CA SER A 217 -14.62 11.14 15.40
C SER A 217 -14.66 12.66 15.23
N ARG A 218 -13.55 13.34 15.52
CA ARG A 218 -13.51 14.80 15.43
C ARG A 218 -13.31 15.30 14.00
N ARG A 219 -13.28 14.40 13.02
CA ARG A 219 -13.08 14.72 11.62
C ARG A 219 -14.32 14.48 10.78
N ILE A 220 -15.07 13.41 11.05
CA ILE A 220 -16.15 13.01 10.16
C ILE A 220 -17.38 13.87 10.41
N LEU A 221 -18.30 13.83 9.45
CA LEU A 221 -19.46 14.73 9.50
C LEU A 221 -20.51 14.30 10.51
N ASN A 222 -20.62 12.99 10.79
CA ASN A 222 -21.73 12.47 11.59
C ASN A 222 -21.23 11.39 12.53
N PRO A 223 -20.46 11.75 13.56
CA PRO A 223 -19.91 10.69 14.43
C PRO A 223 -20.98 9.93 15.20
N ASN A 224 -22.13 10.54 15.48
CA ASN A 224 -23.13 9.82 16.26
C ASN A 224 -23.77 8.69 15.47
N SER A 225 -23.70 8.76 14.15
CA SER A 225 -24.34 7.78 13.28
C SER A 225 -23.48 6.57 13.01
N VAL A 226 -22.21 6.60 13.44
CA VAL A 226 -21.28 5.51 13.17
C VAL A 226 -21.39 4.50 14.29
N LYS A 227 -21.38 3.22 13.92
CA LYS A 227 -21.21 2.13 14.89
C LYS A 227 -19.72 1.92 15.04
N TRP A 228 -19.14 2.46 16.11
CA TRP A 228 -17.71 2.28 16.38
C TRP A 228 -17.50 0.93 17.06
N VAL A 229 -16.85 0.01 16.36
CA VAL A 229 -16.54 -1.30 16.92
C VAL A 229 -15.23 -1.22 17.68
N GLN A 230 -15.23 -1.73 18.92
CA GLN A 230 -14.01 -1.62 19.70
C GLN A 230 -12.92 -2.51 19.13
N SER A 231 -11.70 -1.97 19.10
CA SER A 231 -10.59 -2.65 18.46
C SER A 231 -10.21 -3.92 19.20
N ALA A 232 -10.57 -4.03 20.48
CA ALA A 232 -10.30 -5.25 21.22
C ALA A 232 -11.03 -6.45 20.63
N LEU A 233 -12.03 -6.22 19.77
CA LEU A 233 -12.77 -7.29 19.14
C LEU A 233 -12.12 -7.82 17.87
N TRP A 234 -11.00 -7.24 17.42
CA TRP A 234 -10.35 -7.69 16.19
C TRP A 234 -8.84 -7.49 16.29
N LYS A 235 -8.11 -8.60 16.34
CA LYS A 235 -6.66 -8.50 16.43
C LYS A 235 -6.03 -7.98 15.13
N GLY A 236 -6.76 -8.05 14.01
CA GLY A 236 -6.23 -7.57 12.75
C GLY A 236 -6.12 -8.64 11.69
N PHE A 237 -5.30 -8.38 10.67
CA PHE A 237 -5.22 -9.28 9.53
C PHE A 237 -4.85 -10.69 9.96
N GLY A 238 -5.54 -11.67 9.39
CA GLY A 238 -5.35 -13.06 9.76
C GLY A 238 -6.34 -13.59 10.76
N THR A 239 -7.03 -12.70 11.48
CA THR A 239 -8.12 -13.11 12.36
C THR A 239 -9.46 -12.83 11.70
N PRO A 240 -10.46 -13.69 11.87
CA PRO A 240 -11.77 -13.43 11.26
C PRO A 240 -12.38 -12.13 11.77
N LEU A 241 -13.00 -11.40 10.84
CA LEU A 241 -13.72 -10.20 11.22
C LEU A 241 -14.85 -10.55 12.19
N PRO A 242 -15.09 -9.73 13.21
CA PRO A 242 -16.07 -10.04 14.26
C PRO A 242 -17.51 -9.74 13.84
N PHE A 243 -17.87 -10.17 12.64
CA PHE A 243 -19.22 -9.97 12.12
C PHE A 243 -19.72 -11.29 11.53
N HIS A 244 -21.04 -11.41 11.50
CA HIS A 244 -21.66 -12.58 10.89
C HIS A 244 -21.51 -12.55 9.37
N ASP A 245 -21.74 -13.71 8.76
CA ASP A 245 -21.76 -13.82 7.30
C ASP A 245 -22.82 -12.92 6.71
N THR A 246 -22.55 -12.45 5.49
CA THR A 246 -23.51 -11.75 4.62
C THR A 246 -24.25 -10.63 5.35
N MET A 247 -23.48 -9.74 5.98
CA MET A 247 -24.02 -8.62 6.74
C MET A 247 -23.93 -7.27 6.03
N PHE A 248 -22.97 -7.07 5.13
CA PHE A 248 -22.66 -5.73 4.64
C PHE A 248 -23.00 -5.56 3.17
N ASP A 249 -23.58 -4.39 2.84
CA ASP A 249 -23.71 -4.02 1.45
C ASP A 249 -22.37 -3.70 0.82
N ALA A 250 -21.44 -3.15 1.61
CA ALA A 250 -20.14 -2.83 1.06
C ALA A 250 -19.09 -2.87 2.15
N VAL A 251 -17.84 -3.11 1.73
CA VAL A 251 -16.67 -2.98 2.58
C VAL A 251 -15.74 -1.98 1.90
N PHE A 252 -15.32 -0.97 2.63
CA PHE A 252 -14.40 0.06 2.11
C PHE A 252 -13.03 -0.19 2.71
N PHE A 253 -12.02 -0.38 1.86
CA PHE A 253 -10.70 -0.85 2.30
C PHE A 253 -9.62 -0.04 1.58
N ALA A 254 -9.26 1.12 2.13
CA ALA A 254 -8.35 2.04 1.46
C ALA A 254 -7.01 2.12 2.18
N CYS A 255 -5.92 2.03 1.39
CA CYS A 255 -4.55 2.27 1.85
C CYS A 255 -4.11 1.30 2.94
N ALA A 256 -4.73 0.13 3.02
CA ALA A 256 -4.38 -0.87 4.01
C ALA A 256 -3.86 -2.17 3.43
N ASP A 257 -4.19 -2.49 2.17
CA ASP A 257 -3.64 -3.64 1.46
C ASP A 257 -2.14 -3.87 1.66
N PRO A 258 -1.26 -2.86 1.57
CA PRO A 258 0.17 -3.14 1.72
C PRO A 258 0.61 -3.39 3.15
N TYR A 259 -0.31 -3.42 4.12
CA TYR A 259 0.00 -3.85 5.47
C TYR A 259 -0.46 -5.29 5.73
N ILE A 260 -1.01 -5.98 4.73
CA ILE A 260 -1.39 -7.39 4.87
C ILE A 260 -0.18 -8.28 4.63
N PRO A 261 0.21 -9.13 5.58
CA PRO A 261 1.32 -10.06 5.33
C PRO A 261 0.97 -11.03 4.23
N GLU A 262 1.99 -11.39 3.43
CA GLU A 262 1.81 -12.34 2.33
C GLU A 262 1.09 -13.60 2.81
N GLU A 263 1.46 -14.11 3.98
CA GLU A 263 0.92 -15.34 4.53
C GLU A 263 -0.58 -15.26 4.81
N SER A 264 -1.14 -14.06 4.89
CA SER A 264 -2.52 -13.88 5.31
C SER A 264 -3.41 -13.26 4.23
N ARG A 265 -2.86 -12.89 3.08
CA ARG A 265 -3.61 -12.01 2.19
C ARG A 265 -4.80 -12.71 1.58
N GLU A 266 -4.64 -13.99 1.19
CA GLU A 266 -5.78 -14.73 0.68
C GLU A 266 -6.89 -14.80 1.73
N PHE A 267 -6.54 -15.12 2.98
CA PHE A 267 -7.57 -15.21 4.01
C PHE A 267 -8.26 -13.87 4.24
N VAL A 268 -7.50 -12.78 4.27
CA VAL A 268 -8.10 -11.47 4.57
C VAL A 268 -9.22 -11.18 3.59
N TYR A 269 -8.97 -11.41 2.30
CA TYR A 269 -9.96 -11.11 1.28
C TYR A 269 -11.06 -12.17 1.21
N LYS A 270 -10.77 -13.41 1.61
CA LYS A 270 -11.83 -14.42 1.69
C LYS A 270 -12.76 -14.12 2.85
N ASP A 271 -12.19 -13.66 3.97
CA ASP A 271 -12.99 -13.30 5.14
C ASP A 271 -13.82 -12.04 4.90
N ILE A 272 -13.30 -11.07 4.14
CA ILE A 272 -14.12 -9.96 3.70
C ILE A 272 -15.26 -10.46 2.82
N PHE A 273 -14.96 -11.36 1.89
CA PHE A 273 -16.00 -11.95 1.03
C PHE A 273 -17.11 -12.56 1.88
N ARG A 274 -16.71 -13.22 2.97
CA ARG A 274 -17.67 -13.89 3.85
C ARG A 274 -18.70 -12.91 4.40
N VAL A 275 -18.26 -11.71 4.84
CA VAL A 275 -19.16 -10.79 5.52
C VAL A 275 -19.96 -9.92 4.55
N LEU A 276 -19.66 -9.97 3.26
CA LEU A 276 -20.44 -9.24 2.25
C LEU A 276 -21.73 -9.99 1.92
N LYS A 277 -22.80 -9.24 1.71
CA LYS A 277 -24.00 -9.80 1.13
C LYS A 277 -23.75 -10.23 -0.31
N HIS A 278 -24.57 -11.16 -0.79
CA HIS A 278 -24.60 -11.39 -2.23
C HIS A 278 -25.08 -10.12 -2.91
N GLY A 279 -24.32 -9.68 -3.91
CA GLY A 279 -24.53 -8.37 -4.49
C GLY A 279 -23.80 -7.25 -3.79
N GLY A 280 -23.08 -7.55 -2.71
CA GLY A 280 -22.30 -6.55 -2.01
C GLY A 280 -21.02 -6.25 -2.77
N ILE A 281 -20.30 -5.22 -2.31
CA ILE A 281 -19.14 -4.73 -3.02
C ILE A 281 -17.99 -4.46 -2.07
N LEU A 282 -16.79 -4.89 -2.46
CA LEU A 282 -15.56 -4.51 -1.78
C LEU A 282 -14.84 -3.48 -2.65
N GLY A 283 -14.52 -2.33 -2.06
CA GLY A 283 -13.71 -1.32 -2.72
C GLY A 283 -12.31 -1.27 -2.11
N ILE A 284 -11.29 -1.30 -2.95
CA ILE A 284 -9.90 -1.22 -2.50
C ILE A 284 -9.23 0.01 -3.10
N VAL A 285 -8.51 0.77 -2.29
CA VAL A 285 -7.48 1.70 -2.75
C VAL A 285 -6.14 1.12 -2.33
N THR A 286 -5.24 0.96 -3.28
CA THR A 286 -3.90 0.49 -2.96
C THR A 286 -2.99 1.02 -4.05
N ARG A 287 -1.81 0.45 -4.18
CA ARG A 287 -1.02 0.59 -5.40
C ARG A 287 -0.64 -0.81 -5.84
N SER A 288 -0.46 -0.97 -7.14
CA SER A 288 -0.01 -2.24 -7.69
C SER A 288 1.47 -2.15 -8.02
N TYR A 289 2.23 -3.15 -7.60
CA TYR A 289 3.64 -3.20 -7.96
C TYR A 289 3.77 -3.19 -9.49
N PRO A 290 4.60 -2.31 -10.05
CA PRO A 290 4.71 -2.23 -11.51
C PRO A 290 4.98 -3.58 -12.15
N ASP A 291 4.17 -3.92 -13.16
CA ASP A 291 4.25 -5.22 -13.83
C ASP A 291 5.12 -5.12 -15.08
N THR A 292 6.00 -6.11 -15.26
CA THR A 292 6.87 -6.13 -16.43
C THR A 292 6.05 -6.06 -17.72
N GLU A 293 4.89 -6.72 -17.73
CA GLU A 293 4.05 -6.79 -18.90
C GLU A 293 3.49 -5.42 -19.29
N ARG A 294 3.46 -4.47 -18.35
CA ARG A 294 2.85 -3.16 -18.52
C ARG A 294 1.38 -3.27 -18.91
N LYS A 295 0.71 -4.32 -18.43
CA LYS A 295 -0.71 -4.47 -18.66
C LYS A 295 -1.53 -3.59 -17.71
N TYR A 296 -1.10 -3.49 -16.44
CA TYR A 296 -1.88 -2.81 -15.41
C TYR A 296 -1.34 -1.43 -15.07
N VAL A 297 -0.03 -1.31 -14.90
CA VAL A 297 0.59 -0.05 -14.48
C VAL A 297 1.35 0.47 -15.69
N LYS A 298 0.72 1.41 -16.42
CA LYS A 298 1.25 1.85 -17.71
C LYS A 298 2.00 3.17 -17.64
N ASP A 299 1.53 4.12 -16.85
CA ASP A 299 2.10 5.46 -16.77
C ASP A 299 3.52 5.38 -16.24
N PRO A 300 4.53 5.83 -16.98
CA PRO A 300 5.92 5.66 -16.49
C PRO A 300 6.19 6.41 -15.19
N PHE A 301 5.59 7.58 -15.01
CA PHE A 301 5.77 8.32 -13.76
C PHE A 301 5.18 7.57 -12.59
N VAL A 302 4.02 6.95 -12.79
CA VAL A 302 3.38 6.17 -11.73
C VAL A 302 4.19 4.92 -11.40
N ARG A 303 4.76 4.26 -12.42
CA ARG A 303 5.59 3.08 -12.16
C ARG A 303 6.76 3.44 -11.26
N LYS A 304 7.45 4.53 -11.58
CA LYS A 304 8.56 4.97 -10.74
C LYS A 304 8.06 5.40 -9.36
N GLY A 305 6.96 6.15 -9.33
CA GLY A 305 6.46 6.64 -8.06
C GLY A 305 6.06 5.52 -7.12
N THR A 306 5.47 4.45 -7.65
CA THR A 306 5.05 3.34 -6.80
C THR A 306 6.25 2.67 -6.16
N LEU A 307 7.33 2.47 -6.92
CA LEU A 307 8.54 1.90 -6.34
C LEU A 307 9.09 2.78 -5.22
N CYS A 308 9.12 4.09 -5.44
CA CYS A 308 9.63 5.01 -4.42
C CYS A 308 8.75 5.02 -3.18
N HIS A 309 7.43 4.96 -3.37
CA HIS A 309 6.51 4.85 -2.24
C HIS A 309 6.77 3.57 -1.45
N ASP A 310 6.94 2.45 -2.16
CA ASP A 310 7.14 1.16 -1.50
C ASP A 310 8.42 1.17 -0.69
N PHE A 311 9.52 1.62 -1.30
CA PHE A 311 10.78 1.75 -0.58
C PHE A 311 10.63 2.63 0.66
N SER A 312 9.98 3.80 0.49
CA SER A 312 9.90 4.78 1.58
C SER A 312 9.08 4.26 2.74
N GLU A 313 7.87 3.78 2.48
CA GLU A 313 7.02 3.30 3.58
C GLU A 313 7.54 2.02 4.23
N SER A 314 8.59 1.41 3.68
CA SER A 314 9.16 0.23 4.33
C SER A 314 9.78 0.53 5.69
N VAL A 315 10.04 1.80 6.00
CA VAL A 315 10.54 2.13 7.33
C VAL A 315 9.42 2.19 8.36
N CYS A 316 8.18 1.97 7.96
CA CYS A 316 7.03 2.00 8.88
C CYS A 316 6.73 0.59 9.37
N GLU A 317 6.41 0.47 10.66
CA GLU A 317 6.16 -0.84 11.25
C GLU A 317 5.07 -1.57 10.48
N GLY A 318 5.36 -2.83 10.15
CA GLY A 318 4.37 -3.69 9.55
C GLY A 318 4.23 -3.59 8.05
N TRP A 319 4.98 -2.72 7.39
CA TRP A 319 4.88 -2.61 5.94
C TRP A 319 5.20 -3.93 5.27
N CYS A 320 4.31 -4.36 4.39
CA CYS A 320 4.50 -5.56 3.58
C CYS A 320 4.73 -5.26 2.11
N GLY A 321 4.22 -4.16 1.59
CA GLY A 321 4.53 -3.74 0.24
C GLY A 321 3.37 -3.98 -0.72
N PHE A 322 3.48 -3.34 -1.87
CA PHE A 322 2.46 -3.47 -2.91
C PHE A 322 2.61 -4.80 -3.63
N TYR A 323 1.48 -5.39 -4.01
CA TYR A 323 1.41 -6.71 -4.62
C TYR A 323 1.29 -6.61 -6.13
N HIS A 324 1.65 -7.70 -6.81
CA HIS A 324 1.66 -7.69 -8.27
C HIS A 324 0.22 -7.72 -8.77
N PRO A 325 -0.15 -6.86 -9.71
CA PRO A 325 -1.58 -6.73 -10.06
C PRO A 325 -2.19 -7.97 -10.71
N GLN A 326 -1.44 -8.70 -11.54
CA GLN A 326 -2.00 -9.93 -12.10
C GLN A 326 -2.30 -10.95 -11.02
N GLU A 327 -1.41 -11.06 -10.02
CA GLU A 327 -1.63 -11.98 -8.92
C GLU A 327 -2.82 -11.55 -8.08
N SER A 328 -2.99 -10.25 -7.90
CA SER A 328 -4.16 -9.73 -7.17
C SER A 328 -5.46 -10.06 -7.91
N GLU A 329 -5.51 -9.78 -9.22
CA GLU A 329 -6.73 -10.08 -9.96
C GLU A 329 -7.02 -11.58 -9.92
N ASN A 330 -6.00 -12.40 -10.11
CA ASN A 330 -6.18 -13.85 -10.00
C ASN A 330 -6.70 -14.24 -8.62
N LEU A 331 -6.17 -13.63 -7.55
CA LEU A 331 -6.61 -13.98 -6.21
C LEU A 331 -8.07 -13.63 -6.00
N PHE A 332 -8.47 -12.42 -6.41
CA PHE A 332 -9.85 -12.01 -6.18
C PHE A 332 -10.82 -12.90 -6.93
N LYS A 333 -10.46 -13.29 -8.16
CA LYS A 333 -11.34 -14.15 -8.94
C LYS A 333 -11.46 -15.55 -8.32
N THR A 334 -10.35 -16.13 -7.85
CA THR A 334 -10.43 -17.45 -7.24
C THR A 334 -11.24 -17.42 -5.95
N ILE A 335 -11.15 -16.33 -5.18
CA ILE A 335 -11.98 -16.21 -3.99
C ILE A 335 -13.46 -16.20 -4.39
N GLY A 336 -13.78 -15.54 -5.49
CA GLY A 336 -15.15 -15.53 -5.96
C GLY A 336 -15.67 -14.16 -6.30
N TYR A 337 -14.84 -13.13 -6.20
CA TYR A 337 -15.24 -11.79 -6.60
C TYR A 337 -15.33 -11.67 -8.11
N HIS A 338 -16.28 -10.87 -8.57
CA HIS A 338 -16.25 -10.35 -9.93
C HIS A 338 -15.44 -9.06 -9.93
N VAL A 339 -14.46 -8.97 -10.82
CA VAL A 339 -13.66 -7.76 -10.95
C VAL A 339 -14.45 -6.78 -11.81
N ASN A 340 -15.17 -5.88 -11.14
CA ASN A 340 -16.03 -4.91 -11.83
C ASN A 340 -15.19 -3.83 -12.52
N THR A 341 -14.26 -3.24 -11.78
CA THR A 341 -13.49 -2.11 -12.26
C THR A 341 -12.08 -2.20 -11.71
N ILE A 342 -11.09 -1.96 -12.56
CA ILE A 342 -9.71 -1.66 -12.17
C ILE A 342 -9.38 -0.32 -12.80
N MET A 343 -9.03 0.69 -11.99
CA MET A 343 -8.64 1.98 -12.56
C MET A 343 -7.43 2.58 -11.87
N LEU A 344 -7.02 3.73 -12.39
CA LEU A 344 -5.91 4.52 -11.88
C LEU A 344 -4.63 3.68 -11.76
N ASN A 345 -4.24 3.07 -12.88
CA ASN A 345 -3.05 2.23 -12.93
C ASN A 345 -3.13 1.11 -11.88
N ALA A 346 -4.31 0.51 -11.76
CA ALA A 346 -4.57 -0.61 -10.86
C ALA A 346 -4.37 -0.21 -9.40
N SER A 347 -4.68 1.04 -9.07
CA SER A 347 -4.73 1.46 -7.68
C SER A 347 -6.14 1.42 -7.09
N VAL A 348 -7.17 1.42 -7.90
CA VAL A 348 -8.55 1.44 -7.44
C VAL A 348 -9.26 0.21 -7.99
N TRP A 349 -9.87 -0.59 -7.10
CA TRP A 349 -10.51 -1.84 -7.48
C TRP A 349 -11.92 -1.87 -6.92
N ARG A 350 -12.90 -2.16 -7.78
CA ARG A 350 -14.25 -2.49 -7.34
C ARG A 350 -14.47 -3.98 -7.58
N LEU A 351 -14.76 -4.73 -6.51
CA LEU A 351 -14.90 -6.17 -6.54
C LEU A 351 -16.29 -6.52 -6.02
N ASP A 352 -17.09 -7.17 -6.85
CA ASP A 352 -18.47 -7.47 -6.49
C ASP A 352 -18.60 -8.92 -6.06
N LYS A 353 -19.38 -9.17 -5.01
CA LYS A 353 -19.74 -10.52 -4.64
C LYS A 353 -20.97 -10.96 -5.43
N PRO A 354 -20.87 -11.98 -6.29
CA PRO A 354 -22.06 -12.46 -7.02
C PRO A 354 -23.09 -13.08 -6.06
N SAH B . -8.16 3.61 5.43
CA SAH B . -7.58 4.83 5.99
CB SAH B . -6.29 4.54 6.78
CG SAH B . -5.14 3.90 5.94
SD SAH B . -3.65 3.68 7.04
C SAH B . -7.38 5.81 4.86
O SAH B . -6.67 6.82 5.05
OXT SAH B . -7.93 5.59 3.75
C5' SAH B . -3.40 1.88 7.39
C4' SAH B . -4.54 1.31 8.13
O4' SAH B . -4.32 -0.19 8.14
C3' SAH B . -4.60 1.75 9.53
O3' SAH B . -6.02 1.92 9.90
C2' SAH B . -4.02 0.65 10.32
O2' SAH B . -4.56 0.62 11.66
C1' SAH B . -4.39 -0.58 9.55
N9 SAH B . -3.51 -1.69 9.82
C8 SAH B . -2.27 -1.67 9.80
N7 SAH B . -1.82 -2.76 10.09
C5 SAH B . -2.87 -3.73 10.36
C6 SAH B . -2.98 -5.06 10.72
N6 SAH B . -1.83 -5.91 10.97
N1 SAH B . -4.35 -5.57 10.87
C2 SAH B . -5.45 -4.61 10.61
N3 SAH B . -5.19 -3.35 10.28
C4 SAH B . -4.10 -2.93 10.16
#